data_7NFP
#
_entry.id   7NFP
#
_cell.length_a   62.180
_cell.length_b   130.720
_cell.length_c   61.180
_cell.angle_alpha   90.00
_cell.angle_beta   90.00
_cell.angle_gamma   90.00
#
_symmetry.space_group_name_H-M   'C 2 2 21'
#
loop_
_entity.id
_entity.type
_entity.pdbx_description
1 polymer CC-Type2-(LaId)4-I17K
2 non-polymer GLYCEROL
3 water water
#
_entity_poly.entity_id   1
_entity_poly.type   'polypeptide(L)'
_entity_poly.pdbx_seq_one_letter_code
;(ACE)GEIAKALREIAKALREKA(4BF)ALREIAKALRG
;
_entity_poly.pdbx_strand_id   A,B,C,D,E,F,G
#
loop_
_chem_comp.id
_chem_comp.type
_chem_comp.name
_chem_comp.formula
ACE non-polymer 'ACETYL GROUP' 'C2 H4 O'
GOL non-polymer GLYCEROL 'C3 H8 O3'
#
# COMPACT_ATOMS: atom_id res chain seq x y z
C ACE A 1 -19.80 -11.80 -12.01
O ACE A 1 -20.77 -11.58 -11.30
CH3 ACE A 1 -19.72 -11.32 -13.43
N GLY A 2 -18.74 -12.48 -11.57
CA GLY A 2 -18.69 -13.02 -10.23
C GLY A 2 -18.46 -12.01 -9.12
N GLU A 3 -18.94 -12.34 -7.91
CA GLU A 3 -18.76 -11.45 -6.76
C GLU A 3 -17.29 -11.31 -6.38
N ILE A 4 -16.49 -12.37 -6.54
CA ILE A 4 -15.08 -12.25 -6.21
C ILE A 4 -14.38 -11.30 -7.18
N ALA A 5 -14.61 -11.46 -8.48
CA ALA A 5 -14.02 -10.56 -9.45
C ALA A 5 -14.48 -9.12 -9.23
N LYS A 6 -15.76 -8.94 -8.90
CA LYS A 6 -16.27 -7.59 -8.62
C LYS A 6 -15.55 -6.98 -7.43
N ALA A 7 -15.34 -7.77 -6.37
CA ALA A 7 -14.64 -7.25 -5.19
C ALA A 7 -13.19 -6.91 -5.51
N LEU A 8 -12.53 -7.73 -6.35
CA LEU A 8 -11.17 -7.41 -6.78
C LEU A 8 -11.13 -6.11 -7.58
N ARG A 9 -12.14 -5.87 -8.43
CA ARG A 9 -12.20 -4.61 -9.16
C ARG A 9 -12.43 -3.44 -8.20
N GLU A 10 -13.17 -3.67 -7.13
CA GLU A 10 -13.36 -2.62 -6.13
C GLU A 10 -12.06 -2.29 -5.42
N ILE A 11 -11.23 -3.32 -5.18
CA ILE A 11 -9.90 -3.09 -4.63
C ILE A 11 -9.05 -2.27 -5.60
N ALA A 12 -9.08 -2.62 -6.89
CA ALA A 12 -8.34 -1.84 -7.88
C ALA A 12 -8.77 -0.38 -7.88
N LYS A 13 -10.08 -0.13 -7.78
CA LYS A 13 -10.59 1.23 -7.76
C LYS A 13 -10.08 1.99 -6.55
N ALA A 14 -10.03 1.31 -5.39
CA ALA A 14 -9.50 1.95 -4.18
C ALA A 14 -8.02 2.25 -4.32
N LEU A 15 -7.27 1.37 -4.99
CA LEU A 15 -5.85 1.62 -5.21
C LEU A 15 -5.65 2.81 -6.15
N ARG A 16 -6.50 2.94 -7.18
CA ARG A 16 -6.44 4.14 -8.01
C ARG A 16 -6.76 5.38 -7.20
N GLU A 17 -7.69 5.27 -6.24
CA GLU A 17 -8.00 6.40 -5.36
C GLU A 17 -6.78 6.80 -4.54
N LYS A 18 -6.03 5.81 -4.04
CA LYS A 18 -4.81 6.10 -3.30
CA LYS A 18 -4.81 6.09 -3.31
C LYS A 18 -3.78 6.76 -4.21
N ALA A 19 -3.68 6.30 -5.46
CA ALA A 19 -2.72 6.89 -6.39
C ALA A 19 -3.03 8.37 -6.59
CD1 4BF A 20 -6.26 10.62 -9.56
CE1 4BF A 20 -6.72 10.31 -10.83
CZ 4BF A 20 -7.67 9.30 -11.00
BR 4BF A 20 -8.26 8.95 -12.74
CE2 4BF A 20 -8.16 8.60 -9.89
CD2 4BF A 20 -7.69 8.91 -8.62
CG 4BF A 20 -6.72 9.91 -8.45
CB 4BF A 20 -6.22 10.27 -7.08
CA 4BF A 20 -4.71 10.07 -6.90
N 4BF A 20 -4.31 8.70 -6.75
C 4BF A 20 -4.28 10.92 -5.70
O 4BF A 20 -3.80 12.05 -5.79
N ALA A 21 -4.44 10.32 -4.52
CA ALA A 21 -4.12 11.01 -3.28
C ALA A 21 -2.62 11.22 -3.16
N LEU A 22 -1.83 10.23 -3.57
CA LEU A 22 -0.38 10.39 -3.60
C LEU A 22 0.03 11.50 -4.56
N ARG A 23 -0.65 11.61 -5.70
CA ARG A 23 -0.35 12.72 -6.61
C ARG A 23 -0.67 14.06 -5.97
N GLU A 24 -1.71 14.13 -5.12
CA GLU A 24 -2.01 15.36 -4.41
C GLU A 24 -0.88 15.72 -3.46
N ILE A 25 -0.28 14.70 -2.84
CA ILE A 25 0.87 14.94 -1.97
C ILE A 25 2.03 15.52 -2.76
N ALA A 26 2.32 14.94 -3.92
CA ALA A 26 3.39 15.49 -4.77
C ALA A 26 3.09 16.94 -5.14
N LYS A 27 1.84 17.24 -5.50
CA LYS A 27 1.47 18.61 -5.85
C LYS A 27 1.68 19.56 -4.68
N ALA A 28 1.30 19.13 -3.47
CA ALA A 28 1.50 19.97 -2.29
C ALA A 28 2.98 20.22 -2.04
N LEU A 29 3.81 19.19 -2.25
CA LEU A 29 5.25 19.35 -2.03
C LEU A 29 5.87 20.30 -3.06
N ARG A 30 5.42 20.23 -4.32
CA ARG A 30 5.92 21.15 -5.33
C ARG A 30 5.56 22.59 -4.99
N GLY A 31 4.41 22.80 -4.36
CA GLY A 31 3.93 24.13 -4.05
C GLY A 31 4.49 24.69 -2.75
C ACE B 1 -3.06 -25.05 6.23
O ACE B 1 -2.07 -25.63 5.81
CH3 ACE B 1 -3.44 -25.05 7.69
N GLY B 2 -3.89 -24.37 5.42
CA GLY B 2 -3.65 -24.30 3.99
C GLY B 2 -2.51 -23.39 3.53
N GLU B 3 -1.87 -23.76 2.42
CA GLU B 3 -0.73 -22.99 1.92
C GLU B 3 -1.17 -21.63 1.42
N ILE B 4 -2.34 -21.54 0.77
CA ILE B 4 -2.82 -20.25 0.31
C ILE B 4 -3.16 -19.36 1.49
N ALA B 5 -3.89 -19.89 2.47
CA ALA B 5 -4.22 -19.10 3.66
C ALA B 5 -2.96 -18.66 4.39
N LYS B 6 -1.97 -19.55 4.50
CA LYS B 6 -0.72 -19.19 5.17
C LYS B 6 -0.01 -18.05 4.44
N ALA B 7 0.00 -18.09 3.11
CA ALA B 7 0.64 -17.03 2.33
C ALA B 7 -0.10 -15.72 2.50
N LEU B 8 -1.44 -15.77 2.57
CA LEU B 8 -2.20 -14.56 2.83
C LEU B 8 -1.88 -14.00 4.22
N ARG B 9 -1.72 -14.87 5.21
CA ARG B 9 -1.31 -14.40 6.52
C ARG B 9 0.09 -13.79 6.49
N GLU B 10 0.96 -14.30 5.62
CA GLU B 10 2.29 -13.68 5.46
C GLU B 10 2.16 -12.29 4.86
N ILE B 11 1.23 -12.11 3.93
CA ILE B 11 0.94 -10.78 3.40
C ILE B 11 0.46 -9.86 4.52
N ALA B 12 -0.45 -10.35 5.37
CA ALA B 12 -0.93 -9.53 6.49
C ALA B 12 0.22 -9.14 7.41
N LYS B 13 1.14 -10.07 7.67
CA LYS B 13 2.29 -9.77 8.53
C LYS B 13 3.17 -8.69 7.92
N ALA B 14 3.39 -8.75 6.60
CA ALA B 14 4.19 -7.72 5.93
C ALA B 14 3.48 -6.37 5.98
N LEU B 15 2.15 -6.37 5.87
CA LEU B 15 1.41 -5.12 6.01
C LEU B 15 1.52 -4.55 7.41
N ARG B 16 1.55 -5.41 8.43
CA ARG B 16 1.81 -4.93 9.79
C ARG B 16 3.21 -4.33 9.92
N GLU B 17 4.18 -4.85 9.17
CA GLU B 17 5.50 -4.25 9.18
C GLU B 17 5.49 -2.87 8.54
N LYS B 18 4.68 -2.70 7.48
CA LYS B 18 4.52 -1.38 6.90
C LYS B 18 3.85 -0.44 7.88
N ALA B 19 2.84 -0.92 8.63
CA ALA B 19 2.19 -0.07 9.62
C ALA B 19 3.18 0.37 10.69
CD1 4BF B 20 7.14 -1.60 14.51
CE1 4BF B 20 8.24 -1.43 15.35
CZ 4BF B 20 9.42 -0.88 14.84
BR 4BF B 20 10.91 -0.65 15.94
CE2 4BF B 20 9.50 -0.50 13.49
CD2 4BF B 20 8.39 -0.68 12.67
CG 4BF B 20 7.20 -1.22 13.17
CB 4BF B 20 6.00 -1.45 12.31
CA 4BF B 20 5.10 -0.21 12.04
N 4BF B 20 4.04 -0.55 11.12
C 4BF B 20 5.95 0.95 11.53
O 4BF B 20 6.26 1.94 12.21
N ALA B 21 6.34 0.83 10.26
CA ALA B 21 7.18 1.84 9.64
C ALA B 21 6.46 3.17 9.54
N LEU B 22 5.17 3.15 9.20
CA LEU B 22 4.40 4.38 9.13
C LEU B 22 4.26 5.02 10.50
N ARG B 23 4.11 4.22 11.55
CA ARG B 23 4.13 4.79 12.89
C ARG B 23 5.47 5.45 13.19
N GLU B 24 6.56 4.85 12.72
CA GLU B 24 7.88 5.45 12.91
C GLU B 24 7.98 6.80 12.20
N ILE B 25 7.37 6.91 11.02
CA ILE B 25 7.35 8.18 10.30
C ILE B 25 6.57 9.21 11.10
N ALA B 26 5.40 8.83 11.63
CA ALA B 26 4.62 9.75 12.44
C ALA B 26 5.41 10.23 13.64
N LYS B 27 6.09 9.31 14.33
CA LYS B 27 6.86 9.70 15.51
C LYS B 27 8.03 10.59 15.13
N ALA B 28 8.67 10.31 13.99
CA ALA B 28 9.78 11.16 13.56
C ALA B 28 9.32 12.58 13.28
N LEU B 29 8.12 12.74 12.72
CA LEU B 29 7.60 14.07 12.42
C LEU B 29 7.17 14.80 13.69
N ARG B 30 6.71 14.06 14.69
CA ARG B 30 6.35 14.68 15.97
C ARG B 30 7.59 15.08 16.75
N GLY B 31 8.70 14.37 16.59
CA GLY B 31 9.92 14.70 17.29
C GLY B 31 10.62 15.90 16.68
C ACE C 1 -10.02 -14.82 -19.08
O ACE C 1 -11.14 -14.44 -19.39
CH3 ACE C 1 -8.90 -14.88 -20.07
N GLY C 2 -9.72 -15.20 -17.84
CA GLY C 2 -10.73 -15.18 -16.80
C GLY C 2 -10.96 -13.85 -16.12
N GLU C 3 -12.16 -13.68 -15.57
CA GLU C 3 -12.51 -12.42 -14.90
C GLU C 3 -11.65 -12.18 -13.67
N ILE C 4 -11.33 -13.24 -12.92
CA ILE C 4 -10.50 -13.06 -11.72
C ILE C 4 -9.10 -12.59 -12.09
N ALA C 5 -8.48 -13.27 -13.06
CA ALA C 5 -7.14 -12.86 -13.52
C ALA C 5 -7.16 -11.44 -14.08
N LYS C 6 -8.20 -11.09 -14.85
CA LYS C 6 -8.31 -9.73 -15.36
C LYS C 6 -8.35 -8.71 -14.23
N ALA C 7 -9.12 -9.00 -13.19
CA ALA C 7 -9.23 -8.07 -12.07
C ALA C 7 -7.90 -7.95 -11.33
N LEU C 8 -7.16 -9.06 -11.19
CA LEU C 8 -5.84 -9.01 -10.58
C LEU C 8 -4.87 -8.17 -11.41
N ARG C 9 -4.97 -8.26 -12.74
CA ARG C 9 -4.14 -7.39 -13.58
C ARG C 9 -4.56 -5.93 -13.44
N GLU C 10 -5.85 -5.67 -13.20
CA GLU C 10 -6.29 -4.30 -12.95
C GLU C 10 -5.70 -3.77 -11.65
N ILE C 11 -5.60 -4.62 -10.64
CA ILE C 11 -4.93 -4.26 -9.39
C ILE C 11 -3.47 -3.93 -9.66
N ALA C 12 -2.79 -4.78 -10.43
CA ALA C 12 -1.38 -4.49 -10.75
C ALA C 12 -1.23 -3.15 -11.43
N LYS C 13 -2.13 -2.82 -12.38
CA LYS C 13 -2.04 -1.53 -13.07
C LYS C 13 -2.22 -0.37 -12.11
N ALA C 14 -3.17 -0.49 -11.18
CA ALA C 14 -3.37 0.55 -10.17
C ALA C 14 -2.12 0.72 -9.31
N LEU C 15 -1.48 -0.39 -8.96
CA LEU C 15 -0.24 -0.31 -8.17
C LEU C 15 0.88 0.37 -8.95
N ARG C 16 0.95 0.13 -10.26
CA ARG C 16 1.94 0.84 -11.07
C ARG C 16 1.65 2.33 -11.09
N GLU C 17 0.37 2.73 -11.05
CA GLU C 17 0.07 4.15 -10.97
C GLU C 17 0.41 4.72 -9.60
N LYS C 18 0.33 3.91 -8.54
CA LYS C 18 0.83 4.38 -7.25
C LYS C 18 2.34 4.57 -7.29
N ALA C 19 3.04 3.67 -7.97
CA ALA C 19 4.50 3.81 -8.12
C ALA C 19 4.84 5.10 -8.84
CD1 4BF C 20 3.98 8.24 -13.65
CE1 4BF C 20 4.10 9.47 -14.30
CZ 4BF C 20 3.51 10.62 -13.74
BR 4BF C 20 3.69 12.26 -14.60
CE2 4BF C 20 2.82 10.55 -12.53
CD2 4BF C 20 2.70 9.32 -11.90
CG 4BF C 20 3.27 8.16 -12.44
CB 4BF C 20 3.15 6.85 -11.72
CA 4BF C 20 4.23 6.67 -10.61
N 4BF C 20 4.08 5.42 -9.90
C 4BF C 20 4.16 7.87 -9.66
O 4BF C 20 4.99 8.79 -9.62
N ALA C 21 3.13 7.84 -8.83
CA ALA C 21 2.88 8.93 -7.88
C ALA C 21 4.00 9.06 -6.85
N LEU C 22 4.51 7.91 -6.39
CA LEU C 22 5.62 7.93 -5.44
C LEU C 22 6.89 8.48 -6.08
N ARG C 23 7.17 8.15 -7.34
CA ARG C 23 8.29 8.79 -8.04
C ARG C 23 8.05 10.28 -8.17
N GLU C 24 6.80 10.69 -8.34
CA GLU C 24 6.48 12.10 -8.45
C GLU C 24 6.76 12.82 -7.12
N ILE C 25 6.47 12.15 -6.00
CA ILE C 25 6.79 12.68 -4.68
C ILE C 25 8.30 12.83 -4.52
N ALA C 26 9.04 11.79 -4.90
CA ALA C 26 10.51 11.85 -4.81
C ALA C 26 11.06 13.04 -5.60
N LYS C 27 10.55 13.25 -6.82
CA LYS C 27 11.00 14.39 -7.62
C LYS C 27 10.62 15.72 -6.96
N ALA C 28 9.42 15.81 -6.40
CA ALA C 28 9.03 17.06 -5.74
C ALA C 28 9.93 17.37 -4.55
N LEU C 29 10.38 16.33 -3.84
CA LEU C 29 11.27 16.54 -2.71
C LEU C 29 12.67 16.93 -3.15
N ARG C 30 13.12 16.44 -4.31
CA ARG C 30 14.41 16.85 -4.83
C ARG C 30 14.39 18.30 -5.29
N GLY C 31 13.26 18.79 -5.77
CA GLY C 31 13.13 20.17 -6.18
C GLY C 31 12.89 21.11 -5.04
C ACE D 1 0.65 -20.50 -15.75
O ACE D 1 0.26 -20.15 -16.86
CH3 ACE D 1 2.07 -20.94 -15.50
N GLY D 2 -0.15 -20.51 -14.68
CA GLY D 2 -1.53 -20.11 -14.78
C GLY D 2 -1.75 -18.61 -14.83
N GLU D 3 -2.89 -18.19 -15.38
CA GLU D 3 -3.18 -16.77 -15.52
C GLU D 3 -3.30 -16.11 -14.15
N ILE D 4 -3.84 -16.81 -13.16
CA ILE D 4 -3.97 -16.20 -11.83
C ILE D 4 -2.61 -15.99 -11.20
N ALA D 5 -1.76 -17.02 -11.20
CA ALA D 5 -0.42 -16.87 -10.64
C ALA D 5 0.37 -15.81 -11.39
N LYS D 6 0.24 -15.74 -12.71
CA LYS D 6 0.94 -14.71 -13.49
C LYS D 6 0.49 -13.32 -13.07
N ALA D 7 -0.82 -13.14 -12.87
CA ALA D 7 -1.32 -11.83 -12.44
C ALA D 7 -0.84 -11.49 -11.05
N LEU D 8 -0.78 -12.48 -10.14
CA LEU D 8 -0.23 -12.23 -8.81
C LEU D 8 1.23 -11.83 -8.88
N ARG D 9 2.00 -12.45 -9.78
CA ARG D 9 3.40 -12.05 -9.94
C ARG D 9 3.50 -10.65 -10.52
N GLU D 10 2.54 -10.26 -11.36
CA GLU D 10 2.52 -8.89 -11.89
C GLU D 10 2.26 -7.89 -10.77
N ILE D 11 1.39 -8.26 -9.82
CA ILE D 11 1.17 -7.45 -8.63
C ILE D 11 2.46 -7.31 -7.84
N ALA D 12 3.16 -8.42 -7.62
CA ALA D 12 4.43 -8.36 -6.89
C ALA D 12 5.42 -7.42 -7.59
N LYS D 13 5.50 -7.50 -8.93
CA LYS D 13 6.40 -6.63 -9.68
C LYS D 13 6.04 -5.16 -9.49
N ALA D 14 4.74 -4.85 -9.49
CA ALA D 14 4.32 -3.47 -9.28
C ALA D 14 4.67 -3.01 -7.87
N LEU D 15 4.54 -3.90 -6.88
CA LEU D 15 4.91 -3.56 -5.52
C LEU D 15 6.41 -3.31 -5.40
N ARG D 16 7.24 -4.06 -6.13
CA ARG D 16 8.67 -3.76 -6.16
C ARG D 16 8.96 -2.40 -6.79
N GLU D 17 8.18 -1.99 -7.79
CA GLU D 17 8.33 -0.65 -8.34
C GLU D 17 8.00 0.41 -7.29
N LYS D 18 6.98 0.16 -6.48
CA LYS D 18 6.65 1.08 -5.39
C LYS D 18 7.78 1.15 -4.37
N ALA D 19 8.37 0.01 -4.03
CA ALA D 19 9.49 -0.02 -3.10
C ALA D 19 10.66 0.81 -3.63
CD1 4BF D 20 14.46 2.02 -7.67
CE1 4BF D 20 15.29 2.94 -8.30
CZ 4BF D 20 14.73 4.01 -9.01
BR 4BF D 20 15.84 5.25 -9.86
CE2 4BF D 20 13.35 4.16 -9.07
CD2 4BF D 20 12.52 3.23 -8.43
CG 4BF D 20 13.07 2.16 -7.73
CB 4BF D 20 12.18 1.18 -7.04
CA 4BF D 20 11.99 1.48 -5.54
N 4BF D 20 10.96 0.67 -4.92
C 4BF D 20 11.74 2.97 -5.34
O 4BF D 20 12.60 3.76 -4.96
N ALA D 21 10.49 3.37 -5.59
CA ALA D 21 10.10 4.77 -5.48
C ALA D 21 10.19 5.26 -4.03
N LEU D 22 9.82 4.39 -3.08
CA LEU D 22 9.94 4.76 -1.68
C LEU D 22 11.39 4.94 -1.27
N ARG D 23 12.30 4.09 -1.79
CA ARG D 23 13.72 4.29 -1.53
C ARG D 23 14.18 5.63 -2.10
N GLU D 24 13.67 5.99 -3.28
CA GLU D 24 14.02 7.27 -3.87
C GLU D 24 13.52 8.44 -3.01
N ILE D 25 12.36 8.28 -2.38
CA ILE D 25 11.88 9.29 -1.44
C ILE D 25 12.83 9.43 -0.27
N ALA D 26 13.25 8.30 0.32
CA ALA D 26 14.19 8.36 1.43
C ALA D 26 15.48 9.07 1.00
N LYS D 27 15.97 8.77 -0.20
CA LYS D 27 17.20 9.40 -0.69
C LYS D 27 16.99 10.88 -0.92
N ALA D 28 15.82 11.27 -1.43
CA ALA D 28 15.55 12.69 -1.64
C ALA D 28 15.54 13.44 -0.30
N LEU D 29 14.97 12.81 0.74
CA LEU D 29 14.95 13.44 2.05
C LEU D 29 16.35 13.58 2.63
N ARG D 30 17.19 12.55 2.45
CA ARG D 30 18.57 12.62 2.92
C ARG D 30 19.36 13.69 2.18
N GLY D 31 19.00 13.96 0.93
CA GLY D 31 19.72 14.94 0.13
C GLY D 31 19.18 16.34 0.27
C ACE E 1 3.69 -25.28 -4.26
O ACE E 1 4.19 -25.57 -5.34
CH3 ACE E 1 4.37 -25.59 -2.96
N GLY E 2 2.51 -24.67 -4.17
CA GLY E 2 1.74 -24.32 -5.36
C GLY E 2 2.12 -22.99 -5.96
N GLU E 3 1.83 -22.80 -7.25
CA GLU E 3 2.19 -21.55 -7.93
C GLU E 3 1.45 -20.37 -7.33
N ILE E 4 0.20 -20.54 -6.92
CA ILE E 4 -0.55 -19.42 -6.35
C ILE E 4 0.04 -19.02 -5.00
N ALA E 5 0.25 -19.99 -4.11
CA ALA E 5 0.87 -19.67 -2.83
C ALA E 5 2.24 -19.03 -3.01
N LYS E 6 3.02 -19.54 -3.97
CA LYS E 6 4.35 -18.97 -4.22
C LYS E 6 4.26 -17.51 -4.64
N ALA E 7 3.32 -17.18 -5.52
CA ALA E 7 3.15 -15.81 -5.98
C ALA E 7 2.68 -14.92 -4.84
N LEU E 8 1.81 -15.45 -3.98
CA LEU E 8 1.39 -14.68 -2.80
C LEU E 8 2.58 -14.41 -1.89
N ARG E 9 3.47 -15.39 -1.72
CA ARG E 9 4.69 -15.14 -0.93
C ARG E 9 5.59 -14.11 -1.59
N GLU E 10 5.62 -14.07 -2.93
CA GLU E 10 6.38 -13.03 -3.62
C GLU E 10 5.79 -11.65 -3.36
N ILE E 11 4.47 -11.56 -3.28
CA ILE E 11 3.81 -10.32 -2.90
C ILE E 11 4.24 -9.91 -1.50
N ALA E 12 4.24 -10.86 -0.55
CA ALA E 12 4.66 -10.53 0.81
C ALA E 12 6.10 -10.04 0.83
N LYS E 13 6.98 -10.65 0.04
CA LYS E 13 8.37 -10.23 -0.01
C LYS E 13 8.48 -8.79 -0.50
N ALA E 14 7.73 -8.43 -1.53
CA ALA E 14 7.74 -7.07 -2.03
C ALA E 14 7.20 -6.09 -1.00
N LEU E 15 6.17 -6.50 -0.25
CA LEU E 15 5.65 -5.65 0.81
C LEU E 15 6.69 -5.41 1.89
N ARG E 16 7.49 -6.43 2.23
CA ARG E 16 8.59 -6.22 3.19
C ARG E 16 9.63 -5.26 2.64
N GLU E 17 9.88 -5.27 1.33
CA GLU E 17 10.78 -4.27 0.76
C GLU E 17 10.20 -2.87 0.91
N LYS E 18 8.89 -2.71 0.75
CA LYS E 18 8.28 -1.41 0.97
CA LYS E 18 8.26 -1.42 0.98
C LYS E 18 8.41 -1.00 2.44
N ALA E 19 8.25 -1.95 3.36
CA ALA E 19 8.35 -1.63 4.78
C ALA E 19 9.76 -1.12 5.11
CD1 4BF E 20 14.96 -1.08 2.80
CE1 4BF E 20 16.22 -0.50 2.76
CZ 4BF E 20 17.06 -0.57 3.88
BR 4BF E 20 18.75 0.23 3.83
CE2 4BF E 20 16.61 -1.21 5.04
CD2 4BF E 20 15.34 -1.79 5.07
CG 4BF E 20 14.51 -1.73 3.95
CB 4BF E 20 13.14 -2.32 3.99
CA 4BF E 20 12.14 -1.37 4.73
N 4BF E 20 10.78 -1.77 4.53
C 4BF E 20 12.35 0.09 4.28
O 4BF E 20 12.95 0.95 4.94
N ALA E 21 11.84 0.38 3.10
CA ALA E 21 11.97 1.72 2.52
C ALA E 21 11.26 2.77 3.38
N LEU E 22 10.07 2.42 3.89
CA LEU E 22 9.36 3.32 4.78
C LEU E 22 10.15 3.58 6.06
N ARG E 23 10.82 2.56 6.60
CA ARG E 23 11.68 2.78 7.75
C ARG E 23 12.83 3.72 7.43
N GLU E 24 13.37 3.62 6.20
CA GLU E 24 14.43 4.54 5.80
C GLU E 24 13.92 5.96 5.64
N ILE E 25 12.66 6.12 5.24
CA ILE E 25 12.05 7.45 5.24
C ILE E 25 12.00 8.02 6.65
N ALA E 26 11.55 7.21 7.62
CA ALA E 26 11.53 7.67 9.01
C ALA E 26 12.92 8.07 9.48
N LYS E 27 13.94 7.25 9.16
CA LYS E 27 15.30 7.56 9.59
C LYS E 27 15.80 8.85 8.94
N ALA E 28 15.44 9.09 7.68
CA ALA E 28 15.84 10.33 7.02
C ALA E 28 15.18 11.54 7.66
N LEU E 29 13.92 11.39 8.09
CA LEU E 29 13.23 12.48 8.77
C LEU E 29 13.83 12.74 10.15
N ARG E 30 14.25 11.69 10.86
CA ARG E 30 14.93 11.87 12.14
C ARG E 30 16.29 12.53 11.94
N GLY E 31 17.00 12.15 10.89
CA GLY E 31 18.30 12.72 10.59
C GLY E 31 18.24 14.20 10.22
C ACE F 1 -21.88 -14.02 0.09
O ACE F 1 -22.09 -14.43 1.23
CH3 ACE F 1 -22.86 -13.13 -0.63
N GLY F 2 -20.79 -14.35 -0.59
CA GLY F 2 -19.78 -15.21 -0.02
C GLY F 2 -18.85 -14.54 0.98
N GLU F 3 -18.26 -15.34 1.86
CA GLU F 3 -17.35 -14.80 2.88
C GLU F 3 -16.08 -14.26 2.25
N ILE F 4 -15.59 -14.91 1.18
CA ILE F 4 -14.36 -14.44 0.53
C ILE F 4 -14.60 -13.09 -0.13
N ALA F 5 -15.69 -12.97 -0.90
CA ALA F 5 -16.02 -11.68 -1.51
C ALA F 5 -16.23 -10.61 -0.45
N LYS F 6 -16.90 -10.94 0.65
CA LYS F 6 -17.11 -9.97 1.73
C LYS F 6 -15.79 -9.48 2.30
N ALA F 7 -14.86 -10.40 2.54
CA ALA F 7 -13.55 -10.01 3.07
C ALA F 7 -12.79 -9.15 2.07
N LEU F 8 -12.90 -9.46 0.78
CA LEU F 8 -12.26 -8.63 -0.23
C LEU F 8 -12.85 -7.21 -0.24
N ARG F 9 -14.18 -7.10 -0.08
CA ARG F 9 -14.78 -5.78 0.01
C ARG F 9 -14.33 -5.04 1.26
N GLU F 10 -14.07 -5.77 2.35
CA GLU F 10 -13.54 -5.13 3.55
C GLU F 10 -12.14 -4.59 3.31
N ILE F 11 -11.33 -5.32 2.53
CA ILE F 11 -10.02 -4.82 2.13
C ILE F 11 -10.17 -3.54 1.31
N ALA F 12 -11.09 -3.53 0.35
CA ALA F 12 -11.31 -2.33 -0.45
C ALA F 12 -11.70 -1.15 0.43
N LYS F 13 -12.57 -1.39 1.43
CA LYS F 13 -12.96 -0.32 2.34
C LYS F 13 -11.77 0.23 3.10
N ALA F 14 -10.88 -0.64 3.58
CA ALA F 14 -9.71 -0.18 4.30
C ALA F 14 -8.78 0.61 3.39
N LEU F 15 -8.68 0.22 2.13
CA LEU F 15 -7.86 0.97 1.18
C LEU F 15 -8.46 2.36 0.93
N ARG F 16 -9.79 2.47 0.86
CA ARG F 16 -10.41 3.79 0.74
C ARG F 16 -10.13 4.62 1.98
N GLU F 17 -10.10 3.98 3.15
CA GLU F 17 -9.76 4.70 4.38
C GLU F 17 -8.33 5.24 4.31
N LYS F 18 -7.41 4.44 3.77
CA LYS F 18 -6.05 4.92 3.58
C LYS F 18 -6.00 6.08 2.60
N ALA F 19 -6.80 6.03 1.54
CA ALA F 19 -6.81 7.12 0.55
C ALA F 19 -7.24 8.43 1.21
CD1 4BF F 20 -11.82 10.68 3.94
CE1 4BF F 20 -12.52 11.71 4.54
CZ 4BF F 20 -12.01 12.35 5.67
BR 4BF F 20 -13.02 13.73 6.45
CE2 4BF F 20 -10.76 11.95 6.18
CD2 4BF F 20 -10.06 10.90 5.56
CG 4BF F 20 -10.58 10.26 4.42
CB 4BF F 20 -9.88 9.13 3.75
CA 4BF F 20 -8.72 9.49 2.81
N 4BF F 20 -8.24 8.34 2.09
C 4BF F 20 -7.60 10.12 3.63
O 4BF F 20 -7.37 11.33 3.66
N ALA F 21 -6.87 9.24 4.33
CA ALA F 21 -5.75 9.69 5.17
C ALA F 21 -4.62 10.31 4.32
N LEU F 22 -4.37 9.75 3.13
CA LEU F 22 -3.38 10.36 2.24
C LEU F 22 -3.82 11.73 1.76
N ARG F 23 -5.11 11.92 1.47
CA ARG F 23 -5.60 13.26 1.15
C ARG F 23 -5.46 14.19 2.34
N GLU F 24 -5.62 13.67 3.55
CA GLU F 24 -5.43 14.48 4.75
C GLU F 24 -3.98 14.91 4.89
N ILE F 25 -3.04 14.04 4.51
CA ILE F 25 -1.62 14.41 4.51
C ILE F 25 -1.36 15.51 3.49
N ALA F 26 -1.90 15.36 2.28
CA ALA F 26 -1.74 16.42 1.28
C ALA F 26 -2.28 17.75 1.78
N LYS F 27 -3.44 17.73 2.46
CA LYS F 27 -4.03 18.95 2.99
C LYS F 27 -3.12 19.56 4.05
N ALA F 28 -2.53 18.73 4.91
CA ALA F 28 -1.62 19.22 5.93
C ALA F 28 -0.38 19.86 5.31
N LEU F 29 0.13 19.28 4.21
CA LEU F 29 1.28 19.85 3.53
C LEU F 29 0.93 21.18 2.87
N ARG F 30 -0.27 21.30 2.31
CA ARG F 30 -0.72 22.58 1.76
C ARG F 30 -0.81 23.64 2.85
N GLY F 31 -1.22 23.25 4.04
CA GLY F 31 -1.35 24.19 5.14
C GLY F 31 0.00 24.62 5.66
C ACE G 1 -14.37 -19.68 8.27
O ACE G 1 -13.70 -20.42 8.98
CH3 ACE G 1 -15.54 -18.89 8.78
N GLY G 2 -14.11 -19.53 6.97
CA GLY G 2 -13.00 -20.25 6.36
C GLY G 2 -11.64 -19.63 6.60
N GLU G 3 -10.59 -20.45 6.48
CA GLU G 3 -9.24 -19.94 6.74
C GLU G 3 -8.83 -18.89 5.72
N ILE G 4 -9.27 -19.00 4.46
CA ILE G 4 -8.93 -17.99 3.46
C ILE G 4 -9.60 -16.67 3.79
N ALA G 5 -10.91 -16.70 4.06
CA ALA G 5 -11.62 -15.48 4.43
C ALA G 5 -11.02 -14.87 5.68
N LYS G 6 -10.66 -15.69 6.67
CA LYS G 6 -10.05 -15.16 7.90
C LYS G 6 -8.73 -14.46 7.60
N ALA G 7 -7.92 -15.03 6.70
CA ALA G 7 -6.65 -14.41 6.36
C ALA G 7 -6.87 -13.09 5.64
N LEU G 8 -7.88 -13.02 4.77
CA LEU G 8 -8.21 -11.77 4.10
C LEU G 8 -8.67 -10.72 5.10
N ARG G 9 -9.43 -11.13 6.12
CA ARG G 9 -9.83 -10.19 7.16
C ARG G 9 -8.61 -9.71 7.96
N GLU G 10 -7.61 -10.58 8.13
CA GLU G 10 -6.39 -10.15 8.80
C GLU G 10 -5.65 -9.10 7.97
N ILE G 11 -5.69 -9.25 6.64
CA ILE G 11 -5.12 -8.24 5.75
C ILE G 11 -5.84 -6.91 5.94
N ALA G 12 -7.18 -6.93 5.96
CA ALA G 12 -7.93 -5.69 6.14
C ALA G 12 -7.60 -5.04 7.48
N LYS G 13 -7.43 -5.85 8.53
CA LYS G 13 -7.07 -5.33 9.84
C LYS G 13 -5.73 -4.61 9.80
N ALA G 14 -4.75 -5.20 9.11
CA ALA G 14 -3.45 -4.56 8.96
C ALA G 14 -3.56 -3.26 8.18
N LEU G 15 -4.40 -3.23 7.14
CA LEU G 15 -4.58 -2.00 6.37
C LEU G 15 -5.20 -0.90 7.23
N ARG G 16 -6.11 -1.25 8.14
CA ARG G 16 -6.66 -0.23 9.04
C ARG G 16 -5.62 0.30 10.00
N GLU G 17 -4.66 -0.53 10.42
CA GLU G 17 -3.58 0.01 11.24
CA GLU G 17 -3.51 -0.06 11.21
C GLU G 17 -2.71 0.96 10.43
N LYS G 18 -2.50 0.68 9.14
CA LYS G 18 -1.78 1.63 8.29
C LYS G 18 -2.54 2.94 8.17
N ALA G 19 -3.86 2.86 8.02
CA ALA G 19 -4.68 4.08 7.92
C ALA G 19 -4.53 4.95 9.18
CD1 4BF G 20 -2.48 4.48 14.44
CE1 4BF G 20 -1.90 5.11 15.53
CZ 4BF G 20 -2.66 6.02 16.28
BR 4BF G 20 -1.84 6.88 17.73
CE2 4BF G 20 -3.98 6.27 15.92
CD2 4BF G 20 -4.57 5.63 14.81
CG 4BF G 20 -3.81 4.73 14.07
CB 4BF G 20 -4.42 4.06 12.87
CA 4BF G 20 -4.36 4.99 11.61
N 4BF G 20 -4.56 4.31 10.35
C 4BF G 20 -3.04 5.78 11.60
O 4BF G 20 -2.95 6.97 11.93
N ALA G 21 -1.98 5.09 11.19
CA ALA G 21 -0.66 5.72 11.15
C ALA G 21 -0.59 6.89 10.17
N LEU G 22 -1.25 6.73 9.01
CA LEU G 22 -1.30 7.83 8.04
C LEU G 22 -2.03 9.04 8.60
N ARG G 23 -3.12 8.81 9.34
CA ARG G 23 -3.80 9.94 9.98
C ARG G 23 -2.92 10.61 11.01
N GLU G 24 -2.10 9.83 11.73
CA GLU G 24 -1.20 10.44 12.69
C GLU G 24 -0.06 11.18 12.00
N ILE G 25 0.34 10.74 10.80
CA ILE G 25 1.29 11.53 10.02
C ILE G 25 0.70 12.88 9.66
N ALA G 26 -0.56 12.90 9.20
CA ALA G 26 -1.22 14.18 8.91
C ALA G 26 -1.28 15.06 10.15
N LYS G 27 -1.64 14.48 11.31
CA LYS G 27 -1.72 15.25 12.54
C LYS G 27 -0.37 15.84 12.91
N ALA G 28 0.70 15.05 12.75
CA ALA G 28 2.04 15.55 13.04
C ALA G 28 2.41 16.70 12.12
N LEU G 29 2.05 16.61 10.84
CA LEU G 29 2.37 17.67 9.89
C LEU G 29 1.59 18.94 10.19
N ARG G 30 0.37 18.83 10.72
CA ARG G 30 -0.41 20.00 11.07
C ARG G 30 0.17 20.71 12.29
N GLY G 31 0.86 19.97 13.16
CA GLY G 31 1.44 20.54 14.36
C GLY G 31 2.92 20.75 14.21
C1 GOL H . 1.18 2.70 1.96
O1 GOL H . 0.62 2.58 0.70
C2 GOL H . 2.57 3.34 1.75
O2 GOL H . 3.05 3.08 0.47
C3 GOL H . 2.36 4.84 1.98
O3 GOL H . 1.95 5.36 0.75
C1 GOL I . -0.04 -2.31 0.31
O1 GOL I . -0.95 -2.02 1.31
C2 GOL I . -0.83 -2.64 -0.97
O2 GOL I . -1.27 -3.94 -0.97
C3 GOL I . -2.01 -1.66 -0.93
O3 GOL I . -1.48 -0.42 -0.54
#